data_6ONT
#
_entry.id   6ONT
#
_cell.length_a   128.726
_cell.length_b   128.726
_cell.length_c   128.726
_cell.angle_alpha   90.00
_cell.angle_beta   90.00
_cell.angle_gamma   90.00
#
_symmetry.space_group_name_H-M   'I 41 3 2'
#
loop_
_entity.id
_entity.type
_entity.pdbx_description
1 polymer 'Two-component response regulator 1452 receiver'
2 non-polymer 'CALCIUM ION'
3 non-polymer 'SODIUM ION'
4 non-polymer 'CHLORIDE ION'
5 water water
#
_entity_poly.entity_id   1
_entity_poly.type   'polypeptide(L)'
_entity_poly.pdbx_seq_one_letter_code
;GSHMSDNPKVLVADDDKKIAQFIKTKFEENGIDTTVAFDGKEALFLINTNNYDVIVIDWMMPYLDGISLLKILRKQNINT
PVIILSALDSTENKIEGLKSGSDDYLTKPFSIDELIIRVNILYKRTKQITEA
;
_entity_poly.pdbx_strand_id   A
#
# COMPACT_ATOMS: atom_id res chain seq x y z
N ASN A 7 14.37 -9.81 -4.89
CA ASN A 7 13.12 -9.14 -5.24
C ASN A 7 12.47 -8.50 -4.02
N PRO A 8 11.99 -7.26 -4.15
CA PRO A 8 11.12 -6.70 -3.10
C PRO A 8 9.89 -7.57 -2.93
N LYS A 9 9.46 -7.74 -1.67
CA LYS A 9 8.24 -8.47 -1.32
C LYS A 9 7.20 -7.46 -0.86
N VAL A 10 6.07 -7.42 -1.56
CA VAL A 10 5.09 -6.36 -1.38
C VAL A 10 3.70 -6.95 -1.22
N LEU A 11 2.92 -6.32 -0.35
CA LEU A 11 1.50 -6.60 -0.20
C LEU A 11 0.70 -5.46 -0.82
N VAL A 12 -0.31 -5.83 -1.60
CA VAL A 12 -1.21 -4.87 -2.23
C VAL A 12 -2.60 -5.18 -1.73
N ALA A 13 -3.24 -4.20 -1.07
CA ALA A 13 -4.58 -4.37 -0.53
C ALA A 13 -5.56 -3.46 -1.27
N ASP A 14 -6.48 -4.06 -2.02
CA ASP A 14 -7.62 -3.33 -2.55
C ASP A 14 -8.76 -4.32 -2.79
N ASP A 15 -9.99 -3.85 -2.64
CA ASP A 15 -11.15 -4.68 -2.90
C ASP A 15 -11.58 -4.66 -4.37
N ASP A 16 -11.01 -3.79 -5.20
CA ASP A 16 -11.29 -3.76 -6.63
C ASP A 16 -10.39 -4.80 -7.30
N LYS A 17 -10.97 -5.94 -7.67
CA LYS A 17 -10.15 -7.07 -8.11
C LYS A 17 -9.45 -6.77 -9.44
N LYS A 18 -10.07 -5.98 -10.32
CA LYS A 18 -9.42 -5.63 -11.57
C LYS A 18 -8.17 -4.79 -11.32
N ILE A 19 -8.30 -3.78 -10.47
CA ILE A 19 -7.15 -2.92 -10.16
C ILE A 19 -6.06 -3.71 -9.45
N ALA A 20 -6.46 -4.54 -8.48
CA ALA A 20 -5.49 -5.37 -7.76
C ALA A 20 -4.73 -6.28 -8.71
N GLN A 21 -5.45 -6.94 -9.63
CA GLN A 21 -4.79 -7.82 -10.61
C GLN A 21 -3.86 -7.03 -11.54
N PHE A 22 -4.31 -5.86 -11.99
CA PHE A 22 -3.46 -5.00 -12.83
C PHE A 22 -2.16 -4.65 -12.11
N ILE A 23 -2.27 -4.19 -10.86
CA ILE A 23 -1.07 -3.84 -10.09
C ILE A 23 -0.17 -5.05 -9.94
N LYS A 24 -0.74 -6.21 -9.58
CA LYS A 24 0.07 -7.41 -9.41
C LYS A 24 0.80 -7.77 -10.71
N THR A 25 0.09 -7.74 -11.83
CA THR A 25 0.72 -8.07 -13.11
C THR A 25 1.90 -7.13 -13.40
N LYS A 26 1.69 -5.82 -13.24
CA LYS A 26 2.75 -4.88 -13.55
C LYS A 26 3.92 -5.01 -12.57
N PHE A 27 3.62 -5.26 -11.29
CA PHE A 27 4.68 -5.42 -10.30
C PHE A 27 5.54 -6.64 -10.60
N GLU A 28 4.90 -7.77 -10.93
CA GLU A 28 5.65 -9.00 -11.19
C GLU A 28 6.35 -8.97 -12.55
N GLU A 29 5.83 -8.20 -13.51
CA GLU A 29 6.60 -7.91 -14.72
C GLU A 29 7.96 -7.32 -14.35
N ASN A 30 7.96 -6.34 -13.45
CA ASN A 30 9.17 -5.86 -12.81
C ASN A 30 9.55 -6.86 -11.73
N GLY A 31 10.54 -6.55 -10.92
CA GLY A 31 11.08 -7.55 -10.03
C GLY A 31 10.43 -7.63 -8.66
N ILE A 32 9.11 -7.45 -8.61
CA ILE A 32 8.41 -7.23 -7.34
C ILE A 32 7.47 -8.41 -7.08
N ASP A 33 7.79 -9.23 -6.08
CA ASP A 33 6.96 -10.35 -5.67
C ASP A 33 5.77 -9.84 -4.87
N THR A 34 4.55 -10.16 -5.32
CA THR A 34 3.36 -9.45 -4.87
C THR A 34 2.31 -10.39 -4.32
N THR A 35 1.80 -10.06 -3.15
CA THR A 35 0.64 -10.71 -2.53
C THR A 35 -0.53 -9.73 -2.55
N VAL A 36 -1.72 -10.20 -2.89
CA VAL A 36 -2.92 -9.36 -2.91
C VAL A 36 -3.83 -9.76 -1.77
N ALA A 37 -4.37 -8.74 -1.08
CA ALA A 37 -5.41 -8.89 -0.07
C ALA A 37 -6.61 -8.08 -0.53
N PHE A 38 -7.81 -8.65 -0.46
CA PHE A 38 -8.98 -8.01 -1.03
C PHE A 38 -9.83 -7.24 -0.03
N ASP A 39 -9.43 -7.15 1.22
CA ASP A 39 -10.08 -6.24 2.16
C ASP A 39 -9.13 -6.00 3.33
N GLY A 40 -9.53 -5.09 4.22
CA GLY A 40 -8.67 -4.66 5.31
C GLY A 40 -8.45 -5.71 6.38
N LYS A 41 -9.41 -6.61 6.57
CA LYS A 41 -9.23 -7.70 7.55
C LYS A 41 -8.15 -8.67 7.07
N GLU A 42 -8.24 -9.12 5.82
CA GLU A 42 -7.22 -10.00 5.27
C GLU A 42 -5.86 -9.31 5.25
N ALA A 43 -5.84 -8.01 4.96
CA ALA A 43 -4.59 -7.27 4.95
C ALA A 43 -3.96 -7.24 6.34
N LEU A 44 -4.75 -6.91 7.35
CA LEU A 44 -4.25 -6.90 8.71
C LEU A 44 -3.66 -8.27 9.08
N PHE A 45 -4.39 -9.34 8.78
CA PHE A 45 -3.90 -10.68 9.11
C PHE A 45 -2.58 -10.99 8.40
N LEU A 46 -2.53 -10.75 7.09
CA LEU A 46 -1.30 -11.03 6.35
C LEU A 46 -0.13 -10.20 6.85
N ILE A 47 -0.35 -8.91 7.11
CA ILE A 47 0.74 -8.06 7.60
C ILE A 47 1.25 -8.54 8.94
N ASN A 48 0.37 -9.10 9.77
CA ASN A 48 0.84 -9.56 11.07
C ASN A 48 1.40 -10.98 11.03
N THR A 49 1.28 -11.70 9.93
CA THR A 49 1.83 -13.05 9.86
C THR A 49 2.88 -13.23 8.78
N ASN A 50 3.24 -12.16 8.06
CA ASN A 50 4.25 -12.24 7.02
C ASN A 50 5.11 -10.98 7.07
N ASN A 51 6.33 -11.10 6.55
CA ASN A 51 7.23 -9.98 6.42
C ASN A 51 7.13 -9.43 5.00
N TYR A 52 6.87 -8.14 4.89
CA TYR A 52 6.83 -7.42 3.63
C TYR A 52 7.83 -6.27 3.68
N ASP A 53 8.38 -5.93 2.52
CA ASP A 53 9.29 -4.80 2.42
C ASP A 53 8.53 -3.50 2.23
N VAL A 54 7.42 -3.55 1.50
CA VAL A 54 6.58 -2.38 1.28
C VAL A 54 5.13 -2.85 1.26
N ILE A 55 4.22 -1.97 1.70
CA ILE A 55 2.78 -2.26 1.71
C ILE A 55 2.07 -1.15 0.95
N VAL A 56 1.22 -1.56 0.00
CA VAL A 56 0.43 -0.64 -0.80
C VAL A 56 -1.02 -0.83 -0.40
N ILE A 57 -1.67 0.24 0.04
CA ILE A 57 -2.97 0.16 0.66
C ILE A 57 -3.95 1.10 -0.04
N ASP A 58 -5.09 0.57 -0.47
CA ASP A 58 -6.16 1.39 -1.01
C ASP A 58 -6.94 2.07 0.10
N TRP A 59 -7.47 3.27 -0.20
CA TRP A 59 -8.05 4.10 0.84
C TRP A 59 -9.36 3.54 1.37
N MET A 60 -10.09 2.76 0.58
CA MET A 60 -11.39 2.26 1.01
C MET A 60 -11.57 0.80 0.64
N MET A 61 -11.79 -0.02 1.66
CA MET A 61 -12.06 -1.44 1.50
C MET A 61 -12.95 -1.90 2.64
N PRO A 62 -13.54 -3.10 2.53
CA PRO A 62 -14.35 -3.62 3.63
C PRO A 62 -13.53 -3.85 4.90
N TYR A 63 -14.24 -3.77 6.04
CA TYR A 63 -13.75 -4.09 7.39
C TYR A 63 -12.82 -3.03 7.93
N LEU A 64 -11.76 -2.69 7.19
CA LEU A 64 -10.87 -1.63 7.61
C LEU A 64 -10.47 -0.82 6.38
N ASP A 65 -10.82 0.46 6.38
CA ASP A 65 -10.33 1.36 5.34
C ASP A 65 -8.82 1.54 5.49
N GLY A 66 -8.21 2.07 4.44
CA GLY A 66 -6.75 2.10 4.37
C GLY A 66 -6.10 2.94 5.45
N ILE A 67 -6.65 4.13 5.70
CA ILE A 67 -6.06 4.99 6.72
C ILE A 67 -6.21 4.38 8.11
N SER A 68 -7.35 3.73 8.37
CA SER A 68 -7.55 3.09 9.66
C SER A 68 -6.58 1.93 9.87
N LEU A 69 -6.38 1.12 8.82
CA LEU A 69 -5.39 0.05 8.89
C LEU A 69 -3.99 0.61 9.13
N LEU A 70 -3.62 1.68 8.43
CA LEU A 70 -2.31 2.29 8.62
C LEU A 70 -2.13 2.76 10.06
N LYS A 71 -3.14 3.42 10.61
CA LYS A 71 -3.04 3.89 11.99
C LYS A 71 -2.89 2.74 12.96
N ILE A 72 -3.62 1.64 12.73
CA ILE A 72 -3.45 0.45 13.56
C ILE A 72 -2.01 -0.06 13.45
N LEU A 73 -1.47 -0.11 12.23
CA LEU A 73 -0.12 -0.62 12.04
C LEU A 73 0.89 0.21 12.80
N ARG A 74 0.82 1.54 12.64
CA ARG A 74 1.79 2.41 13.33
C ARG A 74 1.61 2.35 14.85
N LYS A 75 0.39 2.11 15.32
CA LYS A 75 0.20 1.88 16.76
C LYS A 75 0.90 0.61 17.21
N GLN A 76 0.83 -0.44 16.38
CA GLN A 76 1.47 -1.72 16.66
C GLN A 76 2.98 -1.66 16.51
N ASN A 77 3.54 -0.49 16.22
CA ASN A 77 4.97 -0.32 15.99
C ASN A 77 5.45 -1.13 14.79
N ILE A 78 4.55 -1.39 13.85
CA ILE A 78 4.91 -1.92 12.54
C ILE A 78 5.25 -0.73 11.66
N ASN A 79 6.52 -0.59 11.27
CA ASN A 79 7.02 0.60 10.61
C ASN A 79 7.40 0.35 9.16
N THR A 80 6.92 -0.74 8.59
CA THR A 80 7.14 -1.05 7.19
C THR A 80 6.69 0.12 6.32
N PRO A 81 7.42 0.48 5.27
CA PRO A 81 6.99 1.58 4.41
C PRO A 81 5.62 1.29 3.80
N VAL A 82 4.77 2.32 3.79
CA VAL A 82 3.40 2.19 3.28
C VAL A 82 3.17 3.24 2.21
N ILE A 83 2.53 2.82 1.11
CA ILE A 83 2.03 3.72 0.09
C ILE A 83 0.52 3.66 0.13
N ILE A 84 -0.13 4.82 0.25
CA ILE A 84 -1.58 4.90 0.20
C ILE A 84 -2.01 5.28 -1.21
N LEU A 85 -3.01 4.59 -1.73
CA LEU A 85 -3.68 4.95 -2.97
C LEU A 85 -5.05 5.50 -2.61
N SER A 86 -5.34 6.75 -2.97
CA SER A 86 -6.56 7.36 -2.48
C SER A 86 -7.27 8.19 -3.55
N ALA A 87 -8.60 8.17 -3.50
CA ALA A 87 -9.43 9.06 -4.31
C ALA A 87 -9.55 10.45 -3.72
N LEU A 88 -9.11 10.64 -2.48
CA LEU A 88 -9.13 11.95 -1.84
C LEU A 88 -7.88 12.70 -2.27
N ASP A 89 -8.03 13.64 -3.21
CA ASP A 89 -6.87 14.18 -3.92
C ASP A 89 -6.49 15.59 -3.49
N SER A 90 -7.18 16.18 -2.53
CA SER A 90 -6.77 17.50 -2.07
C SER A 90 -5.42 17.41 -1.36
N THR A 91 -4.69 18.53 -1.34
CA THR A 91 -3.43 18.57 -0.61
C THR A 91 -3.66 18.32 0.88
N GLU A 92 -4.76 18.83 1.42
CA GLU A 92 -5.09 18.59 2.82
C GLU A 92 -5.21 17.08 3.11
N ASN A 93 -5.87 16.34 2.22
CA ASN A 93 -6.05 14.90 2.47
C ASN A 93 -4.74 14.14 2.28
N LYS A 94 -3.90 14.58 1.33
CA LYS A 94 -2.56 14.02 1.18
C LYS A 94 -1.75 14.23 2.46
N ILE A 95 -1.81 15.44 3.02
CA ILE A 95 -1.10 15.73 4.26
C ILE A 95 -1.61 14.86 5.39
N GLU A 96 -2.94 14.67 5.48
CA GLU A 96 -3.49 13.82 6.53
C GLU A 96 -2.99 12.39 6.38
N GLY A 97 -2.93 11.88 5.14
CA GLY A 97 -2.42 10.54 4.92
C GLY A 97 -0.96 10.41 5.33
N LEU A 98 -0.15 11.41 5.01
CA LEU A 98 1.27 11.36 5.40
C LEU A 98 1.42 11.45 6.91
N LYS A 99 0.70 12.35 7.56
CA LYS A 99 0.76 12.46 9.02
C LYS A 99 0.27 11.18 9.69
N SER A 100 -0.66 10.46 9.05
CA SER A 100 -1.14 9.19 9.59
C SER A 100 -0.09 8.08 9.52
N GLY A 101 1.02 8.32 8.84
CA GLY A 101 2.12 7.38 8.88
C GLY A 101 2.52 6.77 7.56
N SER A 102 1.94 7.24 6.45
CA SER A 102 2.30 6.73 5.15
C SER A 102 3.59 7.39 4.65
N ASP A 103 4.35 6.64 3.86
CA ASP A 103 5.56 7.16 3.25
C ASP A 103 5.29 7.87 1.93
N ASP A 104 4.26 7.45 1.21
CA ASP A 104 3.79 8.23 0.10
C ASP A 104 2.28 8.05 -0.05
N TYR A 105 1.71 8.90 -0.89
CA TYR A 105 0.27 9.10 -1.00
C TYR A 105 0.03 9.44 -2.48
N LEU A 106 -0.56 8.49 -3.22
CA LEU A 106 -0.80 8.66 -4.64
C LEU A 106 -2.30 8.81 -4.85
N THR A 107 -2.70 9.89 -5.54
CA THR A 107 -4.09 10.15 -5.87
C THR A 107 -4.50 9.36 -7.10
N LYS A 108 -5.74 8.91 -7.10
CA LYS A 108 -6.29 8.14 -8.20
C LYS A 108 -7.01 9.07 -9.18
N PRO A 109 -6.90 8.84 -10.51
CA PRO A 109 -6.13 7.76 -11.16
C PRO A 109 -4.63 7.92 -10.98
N PHE A 110 -3.94 6.84 -10.60
CA PHE A 110 -2.50 6.89 -10.36
C PHE A 110 -1.75 6.32 -11.56
N SER A 111 -0.46 6.66 -11.61
CA SER A 111 0.43 6.14 -12.65
C SER A 111 1.09 4.86 -12.13
N ILE A 112 0.92 3.76 -12.86
CA ILE A 112 1.54 2.51 -12.44
C ILE A 112 3.05 2.64 -12.48
N ASP A 113 3.58 3.36 -13.48
CA ASP A 113 5.02 3.57 -13.57
C ASP A 113 5.55 4.30 -12.34
N GLU A 114 4.86 5.38 -11.93
CA GLU A 114 5.25 6.08 -10.72
C GLU A 114 5.15 5.16 -9.50
N LEU A 115 4.09 4.36 -9.42
CA LEU A 115 3.93 3.48 -8.26
C LEU A 115 5.06 2.48 -8.16
N ILE A 116 5.45 1.89 -9.29
CA ILE A 116 6.56 0.95 -9.31
C ILE A 116 7.85 1.65 -8.89
N ILE A 117 8.11 2.85 -9.41
CA ILE A 117 9.35 3.55 -9.05
C ILE A 117 9.36 3.84 -7.55
N ARG A 118 8.22 4.24 -6.99
CA ARG A 118 8.20 4.58 -5.57
C ARG A 118 8.35 3.33 -4.70
N VAL A 119 7.77 2.21 -5.12
CA VAL A 119 8.00 0.95 -4.42
C VAL A 119 9.50 0.66 -4.39
N ASN A 120 10.16 0.79 -5.53
CA ASN A 120 11.58 0.47 -5.59
C ASN A 120 12.42 1.44 -4.76
N ILE A 121 12.05 2.71 -4.74
CA ILE A 121 12.77 3.70 -3.92
C ILE A 121 12.66 3.31 -2.45
N LEU A 122 11.44 2.99 -1.99
CA LEU A 122 11.26 2.62 -0.59
C LEU A 122 12.01 1.34 -0.25
N TYR A 123 11.99 0.35 -1.13
CA TYR A 123 12.75 -0.88 -0.89
C TYR A 123 14.24 -0.58 -0.77
N LYS A 124 14.79 0.24 -1.69
CA LYS A 124 16.21 0.57 -1.62
C LYS A 124 16.54 1.27 -0.30
N ARG A 125 15.67 2.18 0.14
CA ARG A 125 15.96 2.96 1.35
C ARG A 125 15.95 2.08 2.60
N THR A 126 15.02 1.12 2.68
CA THR A 126 14.98 0.18 3.79
C THR A 126 15.87 -1.03 3.56
N LYS A 127 16.97 -0.87 2.82
CA LYS A 127 17.95 -1.92 2.59
C LYS A 127 17.32 -3.24 2.15
#